data_3II1
#
_entry.id   3II1
#
_cell.length_a   86.594
_cell.length_b   87.431
_cell.length_c   110.574
_cell.angle_alpha   90.00
_cell.angle_beta   90.00
_cell.angle_gamma   90.00
#
_symmetry.space_group_name_H-M   'P 21 21 21'
#
loop_
_entity.id
_entity.type
_entity.pdbx_description
1 polymer Cellulase
2 non-polymer beta-D-glucopyranose
3 non-polymer 'ZINC ION'
4 water water
#
_entity_poly.entity_id   1
_entity_poly.type   'polypeptide(L)'
_entity_poly.pdbx_seq_one_letter_code
;MASMTGGQQMGRGSMQNPSVTISVNANAGRHPINPAVYGLAYATTATLADLNVPLHRYGGNNTSRYNWQLNADNRGADWY
FESIGEASSVAGERGDTFIANSQAAGAQAMITIPTIGWVARLGANRSKLASFSIAKYGAQSGNDWQWFPDAGNGVLTSGQ
NVTGNNPNDANTLVDSTFQQGWAQHLVSQWGTAAGGGLRYYILDNEPSIWFSTHRDVHPVGPTMDEIRDKMLDYGAKIKT
VDPSALIVGPEEWGWSGYTLSGYDQQYGGLHGWSFMPDRNNHGGWDYLPWLLDQLRQNNLSTGRRLLDVFSVHYYPQGGE
FGNDTSSAMQLRRNRSTRSLWDPNYIDETWINDKVQLIPRLKNWVSTYYPGTLTAITEYNWGAESHINGATTQADILGIF
GREGLDMAARWTTPDTATPTYKAIKMYRNYDGNKSAFGDTSVTATAPNPDNVSAFAAVRSSDGALTVMVINKYLSGNTPA
TINLSNFTAQAQAQVWQLTAANTINHLSNVSLSGSSLSLTLPAQSVTLLVIPAST
;
_entity_poly.pdbx_strand_id   A
#
loop_
_chem_comp.id
_chem_comp.type
_chem_comp.name
_chem_comp.formula
BGC D-saccharide, beta linking beta-D-glucopyranose 'C6 H12 O6'
ZN non-polymer 'ZINC ION' 'Zn 2'
#
# COMPACT_ATOMS: atom_id res chain seq x y z
N SER A 14 -20.15 26.10 -21.59
CA SER A 14 -19.70 26.29 -23.01
C SER A 14 -18.40 25.52 -23.51
N MET A 15 -17.24 25.83 -22.92
CA MET A 15 -15.95 25.18 -23.18
C MET A 15 -16.07 23.66 -23.33
N GLN A 16 -15.38 23.08 -24.33
CA GLN A 16 -15.64 21.68 -24.70
C GLN A 16 -14.43 20.87 -25.26
N ASN A 17 -14.24 19.64 -24.76
CA ASN A 17 -13.15 18.74 -25.20
C ASN A 17 -13.60 17.81 -26.35
N PRO A 18 -12.64 17.18 -27.04
CA PRO A 18 -13.13 16.15 -27.99
C PRO A 18 -14.07 15.10 -27.35
N SER A 19 -15.10 14.74 -28.07
CA SER A 19 -15.96 13.61 -27.71
C SER A 19 -15.19 12.27 -27.38
N VAL A 20 -15.72 11.48 -26.45
CA VAL A 20 -15.15 10.16 -26.17
C VAL A 20 -16.19 9.04 -26.20
N THR A 21 -15.80 7.90 -26.77
CA THR A 21 -16.65 6.68 -26.71
C THR A 21 -15.96 5.57 -25.94
N ILE A 22 -16.72 4.95 -25.05
CA ILE A 22 -16.20 3.90 -24.16
C ILE A 22 -17.00 2.63 -24.34
N SER A 23 -16.32 1.51 -24.42
CA SER A 23 -17.04 0.28 -24.68
C SER A 23 -16.86 -0.50 -23.46
N VAL A 24 -17.98 -0.83 -22.84
CA VAL A 24 -18.05 -1.83 -21.80
C VAL A 24 -18.66 -3.09 -22.38
N ASN A 25 -17.97 -4.20 -22.21
CA ASN A 25 -18.51 -5.47 -22.58
C ASN A 25 -18.56 -6.41 -21.36
N ALA A 26 -19.78 -6.69 -20.86
CA ALA A 26 -19.98 -7.47 -19.61
C ALA A 26 -19.50 -8.92 -19.73
N ASN A 27 -19.12 -9.32 -20.93
CA ASN A 27 -18.57 -10.66 -21.14
C ASN A 27 -17.09 -10.79 -21.31
N ALA A 28 -16.35 -9.70 -21.49
CA ALA A 28 -14.91 -9.80 -21.74
C ALA A 28 -14.22 -9.57 -20.42
N GLY A 29 -13.06 -10.24 -20.28
CA GLY A 29 -12.11 -10.07 -19.17
C GLY A 29 -12.70 -10.20 -17.80
N ARG A 30 -13.61 -11.17 -17.62
CA ARG A 30 -14.27 -11.42 -16.32
C ARG A 30 -13.31 -12.05 -15.33
N HIS A 31 -13.32 -11.56 -14.09
CA HIS A 31 -12.60 -12.11 -12.93
C HIS A 31 -13.05 -11.34 -11.68
N PRO A 32 -12.93 -11.94 -10.48
CA PRO A 32 -13.37 -11.23 -9.25
C PRO A 32 -12.52 -9.99 -8.94
N ILE A 33 -13.09 -8.96 -8.34
CA ILE A 33 -12.32 -7.91 -7.73
C ILE A 33 -12.30 -8.22 -6.23
N ASN A 34 -11.15 -8.59 -5.67
CA ASN A 34 -11.00 -8.72 -4.24
C ASN A 34 -11.19 -7.36 -3.45
N PRO A 35 -12.18 -7.29 -2.51
CA PRO A 35 -12.43 -5.99 -1.82
C PRO A 35 -11.24 -5.53 -0.98
N ALA A 36 -10.25 -6.40 -0.80
CA ALA A 36 -9.01 -6.03 -0.12
C ALA A 36 -8.19 -4.96 -0.92
N VAL A 37 -8.53 -4.70 -2.19
CA VAL A 37 -7.79 -3.64 -2.93
C VAL A 37 -8.13 -2.27 -2.38
N TYR A 38 -9.26 -2.20 -1.63
CA TYR A 38 -9.66 -0.95 -1.04
C TYR A 38 -9.01 -0.64 0.32
N GLY A 39 -7.92 -1.32 0.64
CA GLY A 39 -7.38 -1.26 1.99
C GLY A 39 -6.79 0.10 2.38
N LEU A 40 -6.57 0.32 3.69
CA LEU A 40 -6.04 1.59 4.13
C LEU A 40 -5.11 1.36 5.27
N ALA A 41 -4.17 2.31 5.49
CA ALA A 41 -3.42 2.32 6.76
C ALA A 41 -3.87 3.45 7.69
N TYR A 42 -3.74 3.26 8.99
CA TYR A 42 -4.06 4.29 9.97
C TYR A 42 -5.33 5.08 9.76
N ALA A 43 -6.44 4.35 9.65
CA ALA A 43 -7.79 4.89 9.66
C ALA A 43 -8.39 4.75 11.08
N THR A 44 -9.60 5.24 11.30
CA THR A 44 -10.29 5.07 12.60
C THR A 44 -11.48 4.17 12.34
N THR A 45 -12.04 3.62 13.41
CA THR A 45 -13.27 2.85 13.30
C THR A 45 -14.31 3.69 12.49
N ALA A 46 -14.50 4.98 12.84
CA ALA A 46 -15.47 5.81 12.09
C ALA A 46 -15.23 5.90 10.57
N THR A 47 -13.97 6.05 10.14
CA THR A 47 -13.70 6.21 8.71
C THR A 47 -13.64 4.85 8.03
N LEU A 48 -13.20 3.82 8.73
CA LEU A 48 -13.31 2.48 8.14
C LEU A 48 -14.76 2.12 7.86
N ALA A 49 -15.68 2.45 8.78
CA ALA A 49 -17.08 2.15 8.53
C ALA A 49 -17.63 3.06 7.40
N ASP A 50 -17.35 4.37 7.48
CA ASP A 50 -17.89 5.31 6.49
C ASP A 50 -17.38 5.11 5.04
N LEU A 51 -16.11 4.73 4.87
CA LEU A 51 -15.54 4.38 3.58
C LEU A 51 -15.81 2.93 3.22
N ASN A 52 -16.35 2.15 4.18
CA ASN A 52 -16.68 0.73 3.93
C ASN A 52 -15.44 0.01 3.45
N VAL A 53 -14.38 0.14 4.25
CA VAL A 53 -13.11 -0.47 3.86
C VAL A 53 -12.84 -1.70 4.73
N PRO A 54 -12.50 -2.83 4.12
CA PRO A 54 -12.48 -4.11 4.77
C PRO A 54 -11.10 -4.60 5.14
N LEU A 55 -10.09 -3.71 5.03
CA LEU A 55 -8.67 -4.09 5.29
C LEU A 55 -7.98 -2.90 5.90
N HIS A 56 -7.28 -3.11 7.00
CA HIS A 56 -6.71 -2.00 7.79
C HIS A 56 -5.26 -2.43 8.14
N ARG A 57 -4.26 -1.68 7.68
CA ARG A 57 -2.89 -2.08 7.91
C ARG A 57 -2.22 -1.30 9.02
N TYR A 58 -1.55 -2.05 9.93
CA TYR A 58 -0.64 -1.47 10.89
C TYR A 58 0.78 -1.81 10.44
N GLY A 59 1.49 -0.79 9.94
CA GLY A 59 2.80 -0.97 9.22
C GLY A 59 3.64 0.32 9.17
N GLY A 60 4.81 0.31 8.53
CA GLY A 60 5.60 1.55 8.40
C GLY A 60 6.90 1.49 9.19
N ASN A 61 7.66 2.58 9.20
CA ASN A 61 9.02 2.53 9.76
C ASN A 61 9.17 2.18 11.22
N ASN A 62 8.41 2.86 12.05
CA ASN A 62 8.55 2.59 13.48
C ASN A 62 8.09 1.16 13.85
N THR A 63 7.19 0.55 13.06
CA THR A 63 6.64 -0.79 13.41
C THR A 63 7.72 -1.85 13.31
N SER A 64 8.82 -1.56 12.62
CA SER A 64 9.94 -2.48 12.54
C SER A 64 10.64 -2.60 13.90
N ARG A 65 10.44 -1.58 14.76
CA ARG A 65 11.19 -1.46 16.05
C ARG A 65 10.27 -1.65 17.27
N TYR A 66 9.04 -2.13 17.06
CA TYR A 66 8.10 -2.18 18.11
C TYR A 66 8.46 -3.39 19.04
N ASN A 67 8.62 -3.11 20.34
CA ASN A 67 8.88 -4.16 21.31
C ASN A 67 7.53 -4.56 21.95
N TRP A 68 6.96 -5.71 21.58
CA TRP A 68 5.52 -6.00 21.99
C TRP A 68 5.46 -6.23 23.53
N GLN A 69 6.54 -6.73 24.09
CA GLN A 69 6.60 -6.88 25.53
C GLN A 69 6.66 -5.60 26.33
N LEU A 70 7.25 -4.51 25.80
CA LEU A 70 7.25 -3.26 26.56
C LEU A 70 6.11 -2.37 26.17
N ASN A 71 5.47 -2.69 25.03
CA ASN A 71 4.57 -1.78 24.34
C ASN A 71 5.34 -0.45 24.01
N ALA A 72 6.40 -0.58 23.17
CA ALA A 72 7.25 0.57 22.88
C ALA A 72 7.97 0.39 21.53
N ASP A 73 8.40 1.48 20.93
CA ASP A 73 9.13 1.38 19.66
C ASP A 73 10.23 2.45 19.53
N ASN A 74 11.10 2.27 18.56
CA ASN A 74 12.11 3.29 18.20
C ASN A 74 11.74 3.92 16.88
N ARG A 75 11.83 5.25 16.79
CA ARG A 75 11.40 5.95 15.60
C ARG A 75 12.33 5.88 14.42
N GLY A 76 13.56 5.41 14.61
CA GLY A 76 14.55 5.39 13.54
C GLY A 76 14.83 6.83 13.05
N ALA A 77 15.17 6.96 11.75
CA ALA A 77 15.60 8.24 11.17
C ALA A 77 14.47 9.30 11.14
N ASP A 78 13.23 8.80 11.21
CA ASP A 78 12.05 9.69 11.28
C ASP A 78 11.99 10.62 12.50
N TRP A 79 12.62 10.25 13.65
CA TRP A 79 12.58 11.00 14.93
C TRP A 79 13.71 10.66 15.93
N TYR A 80 14.91 11.05 15.53
CA TYR A 80 16.12 11.02 16.34
C TYR A 80 16.41 9.73 16.97
N PHE A 81 16.04 8.62 16.29
CA PHE A 81 16.35 7.27 16.79
C PHE A 81 15.97 7.17 18.30
N GLU A 82 14.85 7.77 18.66
CA GLU A 82 14.37 7.72 20.02
C GLU A 82 13.48 6.47 20.27
N SER A 83 13.83 5.69 21.28
CA SER A 83 12.94 4.67 21.84
C SER A 83 11.91 5.31 22.81
N ILE A 84 10.62 5.13 22.52
CA ILE A 84 9.53 5.84 23.24
C ILE A 84 8.40 4.89 23.63
N GLY A 85 8.03 4.90 24.91
CA GLY A 85 6.98 3.99 25.43
C GLY A 85 5.60 4.46 25.03
N GLU A 86 4.69 3.55 24.70
CA GLU A 86 3.24 3.94 24.69
C GLU A 86 2.81 4.21 26.14
N ALA A 87 1.72 4.93 26.31
CA ALA A 87 1.15 5.24 27.65
C ALA A 87 0.95 3.99 28.49
N SER A 88 0.23 3.02 27.92
CA SER A 88 0.08 1.71 28.56
C SER A 88 1.33 0.82 28.56
N SER A 89 1.59 0.16 29.69
CA SER A 89 2.58 -0.88 29.69
C SER A 89 2.08 -2.30 29.54
N VAL A 90 0.83 -2.46 29.09
CA VAL A 90 0.33 -3.79 28.85
C VAL A 90 0.91 -4.36 27.53
N ALA A 91 1.64 -5.48 27.65
CA ALA A 91 2.20 -6.23 26.54
C ALA A 91 1.17 -6.32 25.40
N GLY A 92 1.61 -5.82 24.22
CA GLY A 92 0.83 -5.91 23.03
C GLY A 92 -0.34 -4.97 22.95
N GLU A 93 -0.52 -3.99 23.83
CA GLU A 93 -1.75 -3.18 23.67
C GLU A 93 -1.96 -2.37 22.38
N ARG A 94 -0.88 -1.86 21.79
CA ARG A 94 -0.96 -1.19 20.49
C ARG A 94 -1.62 -2.10 19.45
N GLY A 95 -1.17 -3.34 19.38
CA GLY A 95 -1.76 -4.32 18.47
C GLY A 95 -3.22 -4.64 18.80
N ASP A 96 -3.50 -4.94 20.08
CA ASP A 96 -4.90 -5.24 20.50
C ASP A 96 -5.88 -4.11 20.25
N THR A 97 -5.42 -2.92 20.51
CA THR A 97 -6.24 -1.72 20.29
C THR A 97 -6.52 -1.55 18.82
N PHE A 98 -5.47 -1.75 18.00
CA PHE A 98 -5.60 -1.68 16.56
C PHE A 98 -6.62 -2.74 16.03
N ILE A 99 -6.49 -3.97 16.47
CA ILE A 99 -7.44 -5.01 16.15
C ILE A 99 -8.91 -4.69 16.58
N ALA A 100 -9.13 -4.23 17.82
CA ALA A 100 -10.49 -3.93 18.31
C ALA A 100 -11.07 -2.89 17.42
N ASN A 101 -10.29 -1.84 17.13
CA ASN A 101 -10.82 -0.69 16.37
C ASN A 101 -11.16 -1.09 14.97
N SER A 102 -10.42 -2.05 14.39
CA SER A 102 -10.67 -2.50 13.02
C SER A 102 -11.90 -3.34 13.01
N GLN A 103 -11.90 -4.32 13.90
CA GLN A 103 -13.02 -5.19 13.92
C GLN A 103 -14.32 -4.51 14.35
N ALA A 104 -14.23 -3.44 15.14
CA ALA A 104 -15.43 -2.62 15.38
C ALA A 104 -16.08 -2.11 14.09
N ALA A 105 -15.38 -2.16 12.97
CA ALA A 105 -15.92 -1.59 11.76
C ALA A 105 -15.98 -2.67 10.72
N GLY A 106 -15.85 -3.92 11.10
CA GLY A 106 -15.95 -5.00 10.11
C GLY A 106 -14.70 -5.09 9.22
N ALA A 107 -13.56 -4.51 9.64
CA ALA A 107 -12.36 -4.60 8.80
C ALA A 107 -11.35 -5.63 9.31
N GLN A 108 -10.63 -6.29 8.41
CA GLN A 108 -9.52 -7.16 8.82
C GLN A 108 -8.19 -6.36 9.08
N ALA A 109 -7.66 -6.52 10.28
CA ALA A 109 -6.41 -5.90 10.67
C ALA A 109 -5.23 -6.65 9.99
N MET A 110 -4.09 -5.97 9.87
CA MET A 110 -2.84 -6.55 9.42
C MET A 110 -1.87 -5.97 10.40
N ILE A 111 -1.08 -6.86 11.01
CA ILE A 111 -0.12 -6.45 12.03
C ILE A 111 1.27 -6.79 11.57
N THR A 112 2.15 -5.78 11.64
CA THR A 112 3.53 -5.96 11.31
C THR A 112 4.25 -6.52 12.52
N ILE A 113 4.99 -7.56 12.26
CA ILE A 113 5.85 -8.21 13.24
C ILE A 113 7.27 -7.84 12.86
N PRO A 114 8.04 -7.30 13.82
CA PRO A 114 9.43 -7.02 13.45
C PRO A 114 10.25 -8.26 13.23
N THR A 115 11.09 -8.17 12.25
CA THR A 115 12.04 -9.17 11.84
C THR A 115 13.50 -8.72 12.04
N ILE A 116 13.68 -7.41 12.28
CA ILE A 116 15.01 -6.80 12.28
C ILE A 116 15.83 -7.16 13.54
N GLY A 117 15.17 -7.77 14.53
CA GLY A 117 15.85 -8.17 15.75
C GLY A 117 15.96 -7.08 16.84
N TRP A 118 16.42 -5.89 16.45
CA TRP A 118 16.68 -4.81 17.38
C TRP A 118 15.45 -3.95 17.56
N VAL A 119 14.82 -4.10 18.71
CA VAL A 119 13.61 -3.34 19.01
C VAL A 119 13.86 -2.51 20.25
N ALA A 120 13.03 -1.51 20.47
CA ALA A 120 13.17 -0.59 21.60
C ALA A 120 13.29 -1.25 22.98
N ARG A 121 14.12 -0.69 23.84
CA ARG A 121 13.97 -0.86 25.28
C ARG A 121 13.79 0.51 25.86
N LEU A 122 13.45 0.57 27.15
CA LEU A 122 13.17 1.87 27.83
C LEU A 122 14.06 2.01 29.03
N GLY A 123 14.26 3.24 29.50
CA GLY A 123 15.05 3.44 30.72
C GLY A 123 14.13 3.31 31.94
N ALA A 124 14.64 3.58 33.16
CA ALA A 124 13.84 3.54 34.39
C ALA A 124 12.54 4.36 34.23
N ASN A 125 11.40 3.76 34.60
CA ASN A 125 10.11 4.45 34.52
C ASN A 125 9.67 4.70 33.11
N ARG A 126 9.98 3.74 32.23
CA ARG A 126 9.52 3.85 30.82
C ARG A 126 9.96 5.20 30.23
N SER A 127 11.10 5.68 30.68
CA SER A 127 11.72 6.93 30.15
C SER A 127 12.37 6.63 28.77
N LYS A 128 12.27 7.62 27.89
CA LYS A 128 12.81 7.57 26.52
C LYS A 128 14.29 7.32 26.47
N LEU A 129 14.78 6.49 25.56
CA LEU A 129 16.23 6.37 25.30
C LEU A 129 16.53 6.86 23.86
N ALA A 130 17.80 7.12 23.51
CA ALA A 130 18.17 7.70 22.20
C ALA A 130 19.33 6.96 21.70
N SER A 131 19.34 6.59 20.42
CA SER A 131 20.51 5.81 19.97
C SER A 131 21.76 6.74 19.77
N PHE A 132 21.57 8.03 19.51
CA PHE A 132 22.77 8.84 19.22
C PHE A 132 22.88 9.96 20.25
N SER A 133 23.08 9.56 21.51
CA SER A 133 23.27 10.49 22.64
C SER A 133 24.39 11.51 22.28
N ILE A 134 24.04 12.79 22.34
CA ILE A 134 25.03 13.87 22.15
C ILE A 134 26.17 13.86 23.17
N ALA A 135 25.85 13.62 24.43
CA ALA A 135 26.85 13.46 25.49
C ALA A 135 27.77 12.28 25.28
N LYS A 136 27.35 11.29 24.48
CA LYS A 136 28.15 10.05 24.37
C LYS A 136 28.97 10.01 23.12
N TYR A 137 28.40 10.48 22.01
CA TYR A 137 29.11 10.50 20.72
C TYR A 137 29.55 11.93 20.28
N GLY A 138 29.19 12.95 21.07
CA GLY A 138 29.62 14.32 20.76
C GLY A 138 28.67 15.08 19.86
N ALA A 139 28.94 16.37 19.72
CA ALA A 139 28.24 17.31 18.85
C ALA A 139 27.81 16.67 17.54
N GLN A 140 26.57 16.93 17.14
CA GLN A 140 25.98 16.38 15.90
C GLN A 140 25.22 17.54 15.27
N SER A 141 24.72 17.38 14.04
CA SER A 141 24.10 18.49 13.36
C SER A 141 22.62 18.71 13.60
N GLY A 142 21.95 17.78 14.29
CA GLY A 142 20.49 17.96 14.60
C GLY A 142 20.20 17.25 15.92
N ASN A 143 19.13 17.65 16.59
CA ASN A 143 18.80 17.04 17.85
C ASN A 143 17.34 17.36 18.12
N ASP A 144 16.73 16.62 19.03
CA ASP A 144 15.36 16.88 19.38
C ASP A 144 15.40 17.97 20.46
N TRP A 145 15.39 19.21 20.04
CA TRP A 145 15.60 20.31 20.96
C TRP A 145 14.30 20.62 21.74
N GLN A 146 13.13 20.33 21.17
CA GLN A 146 11.88 20.53 21.91
C GLN A 146 11.63 19.51 23.00
N TRP A 147 11.88 18.22 22.78
CA TRP A 147 11.41 17.17 23.76
C TRP A 147 12.43 16.24 24.39
N PHE A 148 13.67 16.26 23.89
CA PHE A 148 14.78 15.32 24.24
C PHE A 148 16.09 15.87 23.64
N PRO A 149 16.73 16.85 24.31
CA PRO A 149 17.86 17.60 23.71
C PRO A 149 19.13 16.79 23.48
N ASP A 150 19.43 15.85 24.36
CA ASP A 150 20.55 14.89 24.18
C ASP A 150 20.36 13.89 22.98
N ALA A 151 19.19 13.83 22.36
CA ALA A 151 19.01 12.86 21.26
C ALA A 151 19.47 13.51 19.95
N GLY A 152 20.65 13.09 19.47
CA GLY A 152 21.19 13.61 18.22
C GLY A 152 20.58 12.88 17.02
N ASN A 153 20.72 13.45 15.82
CA ASN A 153 20.30 12.78 14.60
C ASN A 153 21.31 11.81 14.05
N GLY A 154 22.40 11.53 14.78
CA GLY A 154 23.39 10.58 14.28
C GLY A 154 24.21 11.09 13.11
N VAL A 155 24.26 12.40 12.89
CA VAL A 155 25.13 12.93 11.86
C VAL A 155 26.06 13.98 12.49
N LEU A 156 27.38 13.86 12.30
CA LEU A 156 28.31 14.88 12.86
C LEU A 156 28.12 16.29 12.24
N THR A 157 28.59 17.32 12.94
CA THR A 157 28.56 18.67 12.34
C THR A 157 29.23 18.70 10.93
N SER A 158 30.23 17.85 10.69
CA SER A 158 30.86 17.80 9.35
C SER A 158 29.94 17.27 8.28
N GLY A 159 28.79 16.72 8.72
CA GLY A 159 27.79 16.09 7.79
C GLY A 159 28.05 14.62 7.56
N GLN A 160 29.06 14.10 8.25
CA GLN A 160 29.45 12.71 8.17
C GLN A 160 28.69 11.95 9.28
N ASN A 161 28.17 10.76 9.00
CA ASN A 161 27.46 9.97 10.01
C ASN A 161 28.33 9.63 11.18
N VAL A 162 27.72 9.71 12.37
CA VAL A 162 28.28 9.04 13.52
C VAL A 162 28.25 7.57 13.18
N THR A 163 29.32 6.83 13.49
CA THR A 163 29.39 5.37 13.25
C THR A 163 29.96 4.74 14.54
N GLY A 164 29.90 3.41 14.67
CA GLY A 164 30.40 2.75 15.87
C GLY A 164 29.52 2.91 17.15
N ASN A 165 28.35 3.54 17.07
CA ASN A 165 27.37 3.54 18.20
C ASN A 165 26.94 2.14 18.74
N ASN A 166 26.67 2.10 20.04
CA ASN A 166 26.33 0.86 20.67
C ASN A 166 24.80 0.64 20.52
N PRO A 167 24.41 -0.42 19.80
CA PRO A 167 22.98 -0.70 19.57
C PRO A 167 22.14 -0.88 20.87
N ASN A 168 22.76 -1.38 21.94
CA ASN A 168 22.13 -1.41 23.28
C ASN A 168 21.80 -0.07 23.94
N ASP A 169 22.25 1.07 23.41
CA ASP A 169 21.95 2.31 24.12
C ASP A 169 20.44 2.44 24.25
N ALA A 170 19.69 2.04 23.23
CA ALA A 170 18.26 2.33 23.20
C ALA A 170 17.42 1.08 22.77
N ASN A 171 18.09 -0.06 22.56
CA ASN A 171 17.43 -1.20 22.02
C ASN A 171 17.96 -2.43 22.65
N THR A 172 17.26 -3.53 22.36
CA THR A 172 17.56 -4.88 22.84
C THR A 172 17.42 -5.83 21.64
N LEU A 173 18.27 -6.82 21.55
CA LEU A 173 18.28 -7.72 20.41
C LEU A 173 17.38 -8.98 20.71
N VAL A 174 16.41 -9.19 19.85
CA VAL A 174 15.36 -10.14 20.14
C VAL A 174 15.42 -11.10 18.95
N ASP A 175 14.70 -12.23 19.00
CA ASP A 175 14.77 -13.19 17.89
C ASP A 175 13.34 -13.66 17.60
N SER A 176 13.17 -14.68 16.78
CA SER A 176 11.84 -15.11 16.33
C SER A 176 11.01 -15.76 17.43
N THR A 177 11.65 -16.38 18.40
CA THR A 177 10.91 -16.93 19.57
C THR A 177 10.27 -15.83 20.43
N PHE A 178 10.97 -14.70 20.51
CA PHE A 178 10.41 -13.49 21.15
C PHE A 178 9.15 -13.00 20.39
N GLN A 179 9.15 -13.05 19.07
CA GLN A 179 7.96 -12.51 18.33
C GLN A 179 6.91 -13.57 18.21
N GLN A 180 7.34 -14.82 18.18
CA GLN A 180 6.37 -15.91 18.33
C GLN A 180 5.50 -15.75 19.58
N GLY A 181 6.11 -15.36 20.71
CA GLY A 181 5.36 -15.05 21.94
C GLY A 181 4.23 -14.07 21.68
N TRP A 182 4.46 -13.09 20.81
CA TRP A 182 3.41 -12.11 20.44
C TRP A 182 2.30 -12.83 19.66
N ALA A 183 2.66 -13.75 18.77
CA ALA A 183 1.63 -14.45 18.00
C ALA A 183 0.72 -15.31 18.95
N GLN A 184 1.36 -15.98 19.91
CA GLN A 184 0.68 -16.76 20.94
C GLN A 184 -0.27 -15.84 21.68
N HIS A 185 0.20 -14.64 22.02
CA HIS A 185 -0.69 -13.70 22.73
C HIS A 185 -1.90 -13.29 21.87
N LEU A 186 -1.65 -13.01 20.59
CA LEU A 186 -2.73 -12.57 19.71
C LEU A 186 -3.80 -13.67 19.56
N VAL A 187 -3.35 -14.88 19.34
CA VAL A 187 -4.21 -16.06 19.28
C VAL A 187 -5.03 -16.30 20.56
N SER A 188 -4.43 -16.10 21.73
CA SER A 188 -5.15 -16.21 22.98
C SER A 188 -6.21 -15.13 23.15
N GLN A 189 -5.95 -13.88 22.77
CA GLN A 189 -6.95 -12.81 22.91
C GLN A 189 -8.11 -12.88 21.90
N TRP A 190 -7.71 -13.18 20.65
CA TRP A 190 -8.58 -13.07 19.50
C TRP A 190 -9.05 -14.36 18.86
N GLY A 191 -8.54 -15.53 19.26
CA GLY A 191 -8.85 -16.75 18.47
C GLY A 191 -7.86 -16.88 17.28
N THR A 192 -7.88 -18.03 16.59
CA THR A 192 -7.07 -18.19 15.36
C THR A 192 -7.72 -17.40 14.19
N ALA A 193 -6.99 -17.25 13.09
CA ALA A 193 -7.57 -16.67 11.88
C ALA A 193 -8.89 -17.38 11.51
N ALA A 194 -8.86 -18.72 11.41
CA ALA A 194 -10.08 -19.53 11.03
C ALA A 194 -11.23 -19.26 11.98
N GLY A 195 -10.94 -18.91 13.22
CA GLY A 195 -11.96 -18.67 14.22
C GLY A 195 -12.24 -17.21 14.43
N GLY A 196 -11.97 -16.37 13.46
CA GLY A 196 -12.29 -14.93 13.59
C GLY A 196 -11.20 -14.03 14.22
N GLY A 197 -10.02 -14.57 14.47
CA GLY A 197 -8.85 -13.78 14.94
C GLY A 197 -8.08 -12.95 13.88
N LEU A 198 -6.81 -12.66 14.17
CA LEU A 198 -5.96 -11.83 13.31
C LEU A 198 -5.63 -12.66 12.08
N ARG A 199 -5.97 -12.13 10.93
CA ARG A 199 -5.79 -12.91 9.71
C ARG A 199 -4.42 -12.65 9.00
N TYR A 200 -3.86 -11.45 9.21
CA TYR A 200 -2.68 -11.06 8.46
C TYR A 200 -1.54 -10.62 9.33
N TYR A 201 -0.45 -11.37 9.22
CA TYR A 201 0.86 -11.01 9.75
C TYR A 201 1.75 -10.45 8.64
N ILE A 202 2.16 -9.16 8.80
CA ILE A 202 3.14 -8.60 7.89
C ILE A 202 4.56 -8.81 8.41
N LEU A 203 5.42 -9.37 7.60
CA LEU A 203 6.82 -9.44 8.02
C LEU A 203 7.65 -8.13 7.72
N ASP A 204 7.78 -7.35 8.81
CA ASP A 204 8.58 -6.13 8.91
C ASP A 204 8.14 -5.09 7.86
N ASN A 205 9.11 -4.35 7.35
CA ASN A 205 8.84 -3.15 6.55
C ASN A 205 10.12 -2.72 5.85
N GLU A 206 10.12 -2.75 4.52
CA GLU A 206 11.17 -2.20 3.66
C GLU A 206 12.54 -2.63 4.11
N PRO A 207 12.75 -3.94 4.32
CA PRO A 207 14.01 -4.39 4.92
C PRO A 207 15.26 -3.99 4.12
N SER A 208 15.22 -4.04 2.79
CA SER A 208 16.41 -3.57 2.01
C SER A 208 16.98 -2.20 2.46
N ILE A 209 16.12 -1.26 2.87
CA ILE A 209 16.62 0.07 3.29
C ILE A 209 16.67 0.25 4.85
N TRP A 210 16.79 -0.88 5.58
CA TRP A 210 17.04 -0.83 7.00
C TRP A 210 18.32 0.02 7.31
N PHE A 211 19.30 -0.03 6.37
CA PHE A 211 20.57 0.68 6.58
C PHE A 211 20.39 2.18 6.61
N SER A 212 19.26 2.64 6.12
CA SER A 212 19.05 4.06 6.21
C SER A 212 17.95 4.40 7.28
N THR A 213 16.73 3.91 7.12
CA THR A 213 15.67 4.13 8.14
C THR A 213 16.13 3.68 9.56
N HIS A 214 16.85 2.57 9.66
CA HIS A 214 17.30 2.06 11.00
C HIS A 214 18.81 1.94 11.12
N ARG A 215 19.51 2.94 10.58
CA ARG A 215 20.97 3.03 10.59
C ARG A 215 21.59 2.82 12.03
N ASP A 216 20.93 3.31 13.07
CA ASP A 216 21.42 3.11 14.45
C ASP A 216 21.71 1.66 14.77
N VAL A 217 20.86 0.79 14.27
CA VAL A 217 20.87 -0.57 14.72
C VAL A 217 21.20 -1.55 13.58
N HIS A 218 21.02 -1.10 12.34
CA HIS A 218 21.32 -1.94 11.21
C HIS A 218 22.17 -1.22 10.09
N PRO A 219 23.37 -0.67 10.42
CA PRO A 219 24.13 0.16 9.47
C PRO A 219 24.53 -0.49 8.15
N VAL A 220 24.55 -1.81 8.08
CA VAL A 220 24.74 -2.49 6.79
C VAL A 220 23.47 -3.11 6.16
N GLY A 221 23.17 -2.71 4.92
CA GLY A 221 22.08 -3.29 4.14
C GLY A 221 22.07 -4.81 4.24
N PRO A 222 20.89 -5.43 4.51
CA PRO A 222 20.78 -6.89 4.56
C PRO A 222 21.01 -7.56 3.18
N THR A 223 21.72 -8.67 3.14
CA THR A 223 21.79 -9.41 1.92
C THR A 223 20.44 -10.10 1.62
N MET A 224 20.34 -10.65 0.41
CA MET A 224 19.13 -11.40 0.10
C MET A 224 19.11 -12.73 0.89
N ASP A 225 20.28 -13.25 1.30
CA ASP A 225 20.30 -14.40 2.20
C ASP A 225 19.67 -14.05 3.54
N GLU A 226 20.06 -12.93 4.17
CA GLU A 226 19.59 -12.64 5.49
C GLU A 226 18.08 -12.58 5.49
N ILE A 227 17.55 -12.04 4.42
CA ILE A 227 16.09 -11.75 4.30
C ILE A 227 15.29 -13.02 3.97
N ARG A 228 15.89 -13.90 3.16
CA ARG A 228 15.30 -15.16 2.97
C ARG A 228 15.21 -15.86 4.36
N ASP A 229 16.29 -15.84 5.15
CA ASP A 229 16.36 -16.64 6.35
C ASP A 229 15.30 -16.24 7.41
N LYS A 230 15.17 -14.91 7.47
CA LYS A 230 14.15 -14.20 8.21
C LYS A 230 12.73 -14.53 7.85
N MET A 231 12.41 -14.66 6.57
CA MET A 231 11.04 -15.07 6.19
C MET A 231 10.81 -16.56 6.54
N LEU A 232 11.87 -17.38 6.35
CA LEU A 232 11.82 -18.81 6.63
C LEU A 232 11.59 -18.97 8.12
N ASP A 233 12.41 -18.25 8.91
CA ASP A 233 12.45 -18.32 10.36
C ASP A 233 11.14 -17.80 11.00
N TYR A 234 10.89 -16.50 10.86
CA TYR A 234 9.71 -15.88 11.44
C TYR A 234 8.41 -16.49 10.89
N GLY A 235 8.42 -16.84 9.61
CA GLY A 235 7.25 -17.41 8.97
C GLY A 235 6.85 -18.74 9.56
N ALA A 236 7.80 -19.67 9.69
CA ALA A 236 7.63 -20.95 10.43
C ALA A 236 7.09 -20.78 11.84
N LYS A 237 7.72 -19.92 12.63
CA LYS A 237 7.23 -19.65 13.97
C LYS A 237 5.78 -19.23 14.00
N ILE A 238 5.37 -18.33 13.11
CA ILE A 238 4.03 -17.78 13.24
C ILE A 238 3.04 -18.85 12.78
N LYS A 239 3.42 -19.67 11.80
CA LYS A 239 2.52 -20.66 11.23
C LYS A 239 2.31 -21.84 12.21
N THR A 240 3.30 -22.12 13.06
CA THR A 240 3.19 -23.13 14.13
C THR A 240 2.12 -22.75 15.15
N VAL A 241 2.15 -21.46 15.48
CA VAL A 241 1.20 -20.87 16.39
C VAL A 241 -0.13 -20.77 15.73
N ASP A 242 -0.18 -20.31 14.46
CA ASP A 242 -1.49 -20.24 13.74
C ASP A 242 -1.42 -20.66 12.27
N PRO A 243 -1.66 -21.98 11.98
CA PRO A 243 -1.50 -22.47 10.57
C PRO A 243 -2.55 -21.88 9.65
N SER A 244 -3.62 -21.33 10.21
CA SER A 244 -4.64 -20.70 9.41
C SER A 244 -4.37 -19.23 9.05
N ALA A 245 -3.43 -18.54 9.72
CA ALA A 245 -3.13 -17.14 9.38
C ALA A 245 -2.33 -17.00 8.07
N LEU A 246 -2.41 -15.81 7.49
CA LEU A 246 -1.83 -15.42 6.19
C LEU A 246 -0.62 -14.53 6.46
N ILE A 247 0.54 -14.90 5.89
CA ILE A 247 1.75 -14.10 6.04
C ILE A 247 2.01 -13.29 4.77
N VAL A 248 2.29 -12.02 5.00
CA VAL A 248 2.51 -10.98 3.98
C VAL A 248 3.95 -10.46 4.09
N GLY A 249 4.60 -10.33 2.94
CA GLY A 249 5.92 -9.72 2.84
C GLY A 249 6.45 -9.82 1.40
N PRO A 250 7.66 -9.25 1.15
CA PRO A 250 8.56 -8.60 2.14
C PRO A 250 8.35 -7.09 2.36
N GLU A 251 7.34 -6.45 1.74
CA GLU A 251 7.13 -5.07 1.99
C GLU A 251 8.26 -4.19 1.42
N GLU A 252 8.87 -4.57 0.29
CA GLU A 252 9.97 -3.78 -0.20
C GLU A 252 9.59 -2.33 -0.65
N TRP A 253 10.55 -1.41 -0.61
CA TRP A 253 10.20 -0.01 -0.65
C TRP A 253 9.82 0.60 -2.00
N GLY A 254 10.30 0.03 -3.10
CA GLY A 254 10.09 0.64 -4.41
C GLY A 254 11.13 0.10 -5.36
N TRP A 255 11.25 0.72 -6.53
CA TRP A 255 11.85 0.11 -7.72
C TRP A 255 13.19 -0.60 -7.45
N SER A 256 14.16 0.08 -6.87
CA SER A 256 15.48 -0.55 -6.73
C SER A 256 15.38 -1.70 -5.79
N GLY A 257 14.46 -1.62 -4.83
CA GLY A 257 14.28 -2.74 -3.89
C GLY A 257 13.59 -3.96 -4.54
N TYR A 258 13.20 -3.88 -5.82
CA TYR A 258 12.58 -5.06 -6.41
C TYR A 258 13.66 -5.96 -7.00
N THR A 259 14.84 -5.42 -7.32
CA THR A 259 15.86 -6.21 -8.05
C THR A 259 17.21 -6.23 -7.35
N LEU A 260 17.38 -5.41 -6.33
CA LEU A 260 18.64 -5.33 -5.65
C LEU A 260 18.41 -5.44 -4.14
N SER A 261 19.19 -6.26 -3.49
CA SER A 261 19.09 -6.35 -2.05
C SER A 261 19.57 -5.06 -1.40
N GLY A 262 19.30 -4.93 -0.10
CA GLY A 262 19.76 -3.77 0.63
C GLY A 262 21.30 -3.68 0.64
N TYR A 263 21.98 -4.80 0.81
CA TYR A 263 23.41 -4.80 0.73
C TYR A 263 23.93 -4.16 -0.59
N ASP A 264 23.39 -4.60 -1.73
CA ASP A 264 23.72 -4.03 -3.06
C ASP A 264 23.26 -2.57 -3.31
N GLN A 265 22.10 -2.22 -2.78
CA GLN A 265 21.67 -0.85 -2.85
C GLN A 265 22.64 0.08 -2.16
N GLN A 266 22.99 -0.28 -0.93
CA GLN A 266 23.95 0.45 -0.15
C GLN A 266 25.32 0.45 -0.89
N TYR A 267 25.80 -0.73 -1.22
CA TYR A 267 27.09 -0.85 -1.89
C TYR A 267 27.19 0.07 -3.12
N GLY A 268 26.10 0.12 -3.88
CA GLY A 268 26.01 0.97 -5.06
C GLY A 268 26.03 2.44 -4.74
N GLY A 269 25.34 2.84 -3.65
CA GLY A 269 25.32 4.26 -3.25
C GLY A 269 26.71 4.72 -2.80
N LEU A 270 27.54 3.82 -2.27
CA LEU A 270 28.83 4.19 -1.77
C LEU A 270 29.92 3.89 -2.84
N HIS A 271 29.69 3.00 -3.80
CA HIS A 271 30.80 2.60 -4.69
C HIS A 271 30.51 2.72 -6.22
N GLY A 272 29.41 3.40 -6.61
CA GLY A 272 28.91 3.27 -7.98
C GLY A 272 28.31 1.90 -8.32
N TRP A 273 27.78 1.79 -9.56
CA TRP A 273 26.90 0.73 -9.95
C TRP A 273 27.53 -0.28 -10.80
N SER A 274 28.84 -0.32 -10.86
CA SER A 274 29.44 -1.23 -11.85
C SER A 274 29.54 -2.68 -11.35
N PHE A 275 29.62 -2.91 -10.02
CA PHE A 275 29.72 -4.28 -9.47
C PHE A 275 28.78 -4.49 -8.26
N MET A 276 27.77 -5.36 -8.38
CA MET A 276 26.83 -5.68 -7.25
C MET A 276 27.20 -7.03 -6.58
N PRO A 277 27.91 -6.99 -5.44
CA PRO A 277 28.49 -8.15 -4.82
C PRO A 277 27.48 -9.24 -4.47
N ASP A 278 26.36 -8.86 -3.85
CA ASP A 278 25.31 -9.83 -3.49
C ASP A 278 24.74 -10.47 -4.75
N ARG A 279 24.28 -9.65 -5.70
CA ARG A 279 23.81 -10.09 -7.02
C ARG A 279 24.83 -11.02 -7.71
N ASN A 280 26.11 -10.64 -7.67
CA ASN A 280 27.15 -11.46 -8.24
C ASN A 280 27.33 -12.79 -7.51
N ASN A 281 27.18 -12.79 -6.19
CA ASN A 281 27.32 -14.01 -5.42
C ASN A 281 26.14 -14.94 -5.70
N HIS A 282 25.07 -14.40 -6.30
CA HIS A 282 23.88 -15.21 -6.60
C HIS A 282 23.50 -15.27 -8.07
N GLY A 283 24.54 -15.50 -8.89
CA GLY A 283 24.45 -15.75 -10.31
C GLY A 283 23.66 -14.76 -11.13
N GLY A 284 23.59 -13.50 -10.71
CA GLY A 284 22.95 -12.49 -11.55
C GLY A 284 21.45 -12.42 -11.33
N TRP A 285 20.93 -13.12 -10.33
CA TRP A 285 19.50 -13.00 -10.04
C TRP A 285 19.06 -11.59 -9.59
N ASP A 286 17.86 -11.19 -9.97
CA ASP A 286 17.23 -10.08 -9.31
C ASP A 286 16.69 -10.55 -7.95
N TYR A 287 16.69 -9.62 -7.01
CA TYR A 287 16.34 -9.84 -5.62
C TYR A 287 14.96 -10.48 -5.31
N LEU A 288 13.88 -9.89 -5.77
CA LEU A 288 12.60 -10.39 -5.34
C LEU A 288 12.26 -11.67 -6.07
N PRO A 289 12.65 -11.77 -7.35
CA PRO A 289 12.42 -13.03 -7.98
C PRO A 289 13.22 -14.17 -7.32
N TRP A 290 14.45 -13.90 -6.86
CA TRP A 290 15.22 -14.93 -6.21
C TRP A 290 14.60 -15.24 -4.84
N LEU A 291 14.07 -14.22 -4.15
CA LEU A 291 13.47 -14.44 -2.87
C LEU A 291 12.25 -15.35 -3.03
N LEU A 292 11.37 -15.00 -3.96
CA LEU A 292 10.21 -15.82 -4.31
C LEU A 292 10.63 -17.21 -4.64
N ASP A 293 11.68 -17.35 -5.45
CA ASP A 293 12.12 -18.69 -5.85
C ASP A 293 12.69 -19.55 -4.67
N GLN A 294 13.45 -18.93 -3.80
CA GLN A 294 13.91 -19.60 -2.56
C GLN A 294 12.71 -20.08 -1.72
N LEU A 295 11.69 -19.25 -1.56
CA LEU A 295 10.48 -19.63 -0.80
C LEU A 295 9.76 -20.80 -1.51
N ARG A 296 9.60 -20.75 -2.83
CA ARG A 296 9.10 -21.88 -3.55
C ARG A 296 9.87 -23.20 -3.20
N GLN A 297 11.18 -23.18 -3.29
CA GLN A 297 11.99 -24.35 -3.13
C GLN A 297 11.79 -24.88 -1.73
N ASN A 298 11.77 -23.98 -0.75
CA ASN A 298 11.47 -24.40 0.60
C ASN A 298 10.07 -25.04 0.76
N ASN A 299 9.05 -24.44 0.16
CA ASN A 299 7.70 -24.94 0.24
C ASN A 299 7.59 -26.35 -0.44
N LEU A 300 8.39 -26.58 -1.48
CA LEU A 300 8.34 -27.81 -2.24
C LEU A 300 9.03 -28.90 -1.44
N SER A 301 9.95 -28.49 -0.60
CA SER A 301 10.76 -29.44 0.09
C SER A 301 10.20 -29.85 1.45
N THR A 302 9.37 -28.99 2.05
CA THR A 302 8.83 -29.26 3.37
C THR A 302 7.35 -29.44 3.22
N GLY A 303 6.76 -29.05 2.08
CA GLY A 303 5.32 -29.22 1.90
C GLY A 303 4.51 -28.13 2.60
N ARG A 304 5.18 -27.16 3.22
CA ARG A 304 4.46 -26.12 3.99
C ARG A 304 4.63 -24.68 3.39
N ARG A 305 3.51 -23.99 3.12
CA ARG A 305 3.53 -22.62 2.67
C ARG A 305 3.74 -21.66 3.84
N LEU A 306 4.88 -21.00 3.84
CA LEU A 306 5.15 -19.92 4.80
C LEU A 306 4.68 -18.53 4.32
N LEU A 307 4.99 -18.12 3.08
CA LEU A 307 4.46 -16.83 2.59
C LEU A 307 3.17 -16.94 1.77
N ASP A 308 2.16 -16.12 2.08
CA ASP A 308 0.90 -16.22 1.35
C ASP A 308 0.69 -15.03 0.44
N VAL A 309 1.16 -13.86 0.85
CA VAL A 309 0.96 -12.67 0.07
C VAL A 309 2.32 -12.00 -0.18
N PHE A 310 2.64 -11.79 -1.45
CA PHE A 310 3.85 -11.14 -1.92
C PHE A 310 3.56 -9.68 -2.03
N SER A 311 4.23 -8.88 -1.23
CA SER A 311 3.86 -7.46 -1.10
C SER A 311 5.00 -6.47 -1.34
N VAL A 312 4.69 -5.38 -2.06
CA VAL A 312 5.64 -4.31 -2.24
C VAL A 312 4.98 -2.98 -1.97
N HIS A 313 5.83 -1.97 -1.79
CA HIS A 313 5.35 -0.59 -1.72
C HIS A 313 5.68 0.11 -3.06
N TYR A 314 4.89 1.11 -3.46
CA TYR A 314 5.26 1.84 -4.65
C TYR A 314 4.76 3.28 -4.58
N TYR A 315 5.64 4.26 -4.77
CA TYR A 315 5.24 5.65 -4.76
C TYR A 315 5.78 6.20 -6.08
N PRO A 316 4.97 6.97 -6.80
CA PRO A 316 5.53 7.62 -8.03
C PRO A 316 6.79 8.44 -7.70
N GLN A 317 7.75 8.46 -8.64
CA GLN A 317 9.03 9.10 -8.42
C GLN A 317 9.16 10.50 -9.00
N GLY A 318 8.13 11.01 -9.66
CA GLY A 318 8.30 12.26 -10.40
C GLY A 318 7.98 13.53 -9.67
N GLY A 319 7.82 13.46 -8.36
CA GLY A 319 7.42 14.60 -7.58
C GLY A 319 5.91 14.57 -7.34
N GLU A 320 5.23 13.52 -7.73
CA GLU A 320 3.83 13.66 -7.42
C GLU A 320 3.41 13.42 -5.98
N PHE A 321 4.21 12.68 -5.21
CA PHE A 321 3.92 12.45 -3.82
C PHE A 321 4.22 13.74 -3.00
N GLY A 322 3.20 14.53 -2.69
CA GLY A 322 3.41 15.81 -2.01
C GLY A 322 2.16 16.63 -2.40
N ASN A 323 2.24 17.96 -2.31
CA ASN A 323 1.11 18.82 -2.63
C ASN A 323 1.29 19.77 -3.77
N ASP A 324 2.23 19.47 -4.67
CA ASP A 324 2.42 20.30 -5.82
C ASP A 324 1.23 20.00 -6.77
N THR A 325 0.42 21.03 -7.02
CA THR A 325 -0.76 20.97 -7.85
C THR A 325 -0.69 22.01 -8.99
N SER A 326 0.51 22.37 -9.40
CA SER A 326 0.68 23.11 -10.66
C SER A 326 0.07 22.31 -11.80
N SER A 327 -0.29 22.98 -12.88
CA SER A 327 -0.74 22.23 -14.06
C SER A 327 0.13 21.06 -14.50
N ALA A 328 1.42 21.33 -14.65
CA ALA A 328 2.29 20.34 -15.22
C ALA A 328 2.24 19.09 -14.28
N MET A 329 2.25 19.29 -12.96
CA MET A 329 2.18 18.15 -12.04
C MET A 329 0.82 17.39 -12.07
N GLN A 330 -0.29 18.11 -12.15
CA GLN A 330 -1.57 17.51 -12.43
C GLN A 330 -1.57 16.61 -13.72
N LEU A 331 -1.04 17.11 -14.83
CA LEU A 331 -0.94 16.30 -16.03
C LEU A 331 -0.05 15.04 -15.77
N ARG A 332 1.04 15.19 -15.03
CA ARG A 332 1.92 14.05 -14.76
C ARG A 332 1.14 12.98 -13.94
N ARG A 333 0.35 13.42 -12.91
CA ARG A 333 -0.48 12.49 -12.14
C ARG A 333 -1.50 11.82 -13.04
N ASN A 334 -2.10 12.57 -13.97
CA ASN A 334 -2.99 11.90 -14.96
C ASN A 334 -2.30 10.74 -15.72
N ARG A 335 -0.99 10.88 -15.96
CA ARG A 335 -0.27 9.89 -16.81
C ARG A 335 0.37 8.77 -16.02
N SER A 336 0.98 9.15 -14.92
CA SER A 336 1.97 8.30 -14.28
C SER A 336 1.38 7.02 -13.60
N THR A 337 0.06 6.96 -13.40
CA THR A 337 -0.53 5.74 -12.90
C THR A 337 -0.43 4.65 -13.98
N ARG A 338 -0.05 5.00 -15.23
CA ARG A 338 0.29 3.98 -16.21
C ARG A 338 1.33 3.01 -15.73
N SER A 339 2.23 3.47 -14.87
CA SER A 339 3.24 2.61 -14.31
C SER A 339 2.64 1.41 -13.55
N LEU A 340 1.37 1.46 -13.21
CA LEU A 340 0.76 0.39 -12.41
C LEU A 340 0.32 -0.77 -13.33
N TRP A 341 0.24 -0.53 -14.64
CA TRP A 341 -0.35 -1.49 -15.55
C TRP A 341 0.22 -1.60 -16.98
N ASP A 342 0.85 -0.54 -17.48
CA ASP A 342 0.96 -0.35 -18.92
C ASP A 342 2.31 -0.85 -19.45
N PRO A 343 2.27 -1.91 -20.26
CA PRO A 343 3.60 -2.51 -20.70
C PRO A 343 4.40 -1.59 -21.64
N ASN A 344 3.80 -0.52 -22.16
CA ASN A 344 4.57 0.35 -23.07
C ASN A 344 4.96 1.68 -22.49
N TYR A 345 4.52 1.97 -21.27
CA TYR A 345 4.83 3.21 -20.68
C TYR A 345 6.19 3.19 -19.98
N ILE A 346 7.11 4.04 -20.45
CA ILE A 346 8.44 4.22 -19.83
C ILE A 346 8.30 5.28 -18.72
N ASP A 347 8.65 4.92 -17.48
CA ASP A 347 8.40 5.85 -16.38
C ASP A 347 9.24 7.13 -16.56
N GLU A 348 8.67 8.30 -16.29
CA GLU A 348 9.32 9.56 -16.67
C GLU A 348 10.18 10.11 -15.55
N THR A 349 11.17 9.34 -15.12
CA THR A 349 11.86 9.66 -13.87
C THR A 349 13.16 8.89 -13.97
N TRP A 350 13.99 8.97 -12.94
CA TRP A 350 15.21 8.16 -12.89
C TRP A 350 14.93 6.68 -13.15
N ILE A 351 13.73 6.17 -12.86
CA ILE A 351 13.45 4.77 -13.09
C ILE A 351 13.69 4.44 -14.59
N ASN A 352 13.10 5.29 -15.43
CA ASN A 352 13.34 5.26 -16.87
C ASN A 352 13.20 3.83 -17.38
N ASP A 353 12.12 3.14 -17.04
CA ASP A 353 11.93 1.78 -17.48
C ASP A 353 10.45 1.49 -17.39
N LYS A 354 10.02 0.36 -17.93
CA LYS A 354 8.62 0.04 -17.95
C LYS A 354 8.24 -0.73 -16.72
N VAL A 355 7.74 -0.02 -15.71
CA VAL A 355 7.47 -0.68 -14.45
C VAL A 355 6.32 -1.71 -14.47
N GLN A 356 5.24 -1.36 -15.16
CA GLN A 356 3.96 -2.18 -15.21
C GLN A 356 3.77 -3.08 -14.01
N LEU A 357 3.60 -2.44 -12.86
CA LEU A 357 3.76 -3.05 -11.57
C LEU A 357 2.84 -4.29 -11.40
N ILE A 358 1.56 -4.12 -11.63
CA ILE A 358 0.69 -5.21 -11.25
C ILE A 358 0.96 -6.45 -12.07
N PRO A 359 0.95 -6.31 -13.45
CA PRO A 359 1.38 -7.49 -14.27
C PRO A 359 2.74 -8.02 -13.83
N ARG A 360 3.67 -7.15 -13.48
CA ARG A 360 4.99 -7.60 -13.01
C ARG A 360 4.90 -8.50 -11.74
N LEU A 361 4.14 -8.02 -10.76
CA LEU A 361 3.90 -8.75 -9.54
C LEU A 361 3.27 -10.13 -9.88
N LYS A 362 2.29 -10.12 -10.78
CA LYS A 362 1.56 -11.37 -11.13
C LYS A 362 2.43 -12.31 -11.95
N ASN A 363 3.23 -11.73 -12.84
CA ASN A 363 4.19 -12.49 -13.57
C ASN A 363 5.25 -13.14 -12.69
N TRP A 364 5.86 -12.34 -11.79
CA TRP A 364 6.89 -12.85 -10.86
C TRP A 364 6.37 -14.02 -9.95
N VAL A 365 5.17 -13.81 -9.43
CA VAL A 365 4.55 -14.79 -8.59
C VAL A 365 4.28 -16.09 -9.43
N SER A 366 3.75 -15.91 -10.62
CA SER A 366 3.47 -17.04 -11.43
C SER A 366 4.72 -17.78 -11.96
N THR A 367 5.88 -17.12 -12.02
CA THR A 367 7.07 -17.70 -12.64
C THR A 367 7.97 -18.37 -11.56
N TYR A 368 7.97 -17.71 -10.39
CA TYR A 368 8.87 -17.96 -9.28
C TYR A 368 8.24 -18.57 -8.02
N TYR A 369 6.94 -18.36 -7.78
CA TYR A 369 6.27 -18.96 -6.60
C TYR A 369 4.72 -19.02 -6.81
N PRO A 370 4.24 -19.94 -7.68
CA PRO A 370 2.81 -19.83 -8.01
C PRO A 370 1.89 -20.06 -6.81
N GLY A 371 0.69 -19.47 -6.91
CA GLY A 371 -0.32 -19.57 -5.86
C GLY A 371 -0.10 -18.55 -4.76
N THR A 372 0.99 -17.78 -4.77
CA THR A 372 1.15 -16.66 -3.82
C THR A 372 0.26 -15.52 -4.31
N LEU A 373 -0.48 -14.83 -3.42
CA LEU A 373 -1.23 -13.65 -3.79
C LEU A 373 -0.25 -12.41 -3.96
N THR A 374 -0.81 -11.27 -4.35
CA THR A 374 -0.04 -10.12 -4.81
C THR A 374 -0.61 -8.90 -4.08
N ALA A 375 0.25 -8.07 -3.44
CA ALA A 375 -0.23 -6.88 -2.80
C ALA A 375 0.67 -5.67 -2.98
N ILE A 376 0.07 -4.49 -3.03
CA ILE A 376 0.79 -3.23 -2.89
C ILE A 376 0.38 -2.62 -1.53
N THR A 377 1.20 -2.80 -0.51
CA THR A 377 0.75 -2.47 0.81
C THR A 377 1.07 -1.04 1.23
N GLU A 378 1.63 -0.22 0.30
CA GLU A 378 1.73 1.24 0.49
C GLU A 378 1.76 1.90 -0.87
N TYR A 379 0.95 2.94 -1.08
CA TYR A 379 1.05 3.77 -2.27
C TYR A 379 0.46 5.09 -1.89
N ASN A 380 0.83 6.13 -2.61
CA ASN A 380 0.19 7.44 -2.47
C ASN A 380 0.59 8.34 -3.65
N TRP A 381 -0.40 9.00 -4.29
CA TRP A 381 -0.10 9.73 -5.52
C TRP A 381 -0.15 11.22 -5.33
N GLY A 382 -0.44 11.65 -4.09
CA GLY A 382 -0.27 12.99 -3.65
C GLY A 382 -1.50 13.86 -3.85
N ALA A 383 -1.36 15.15 -3.50
CA ALA A 383 -2.42 16.16 -3.72
C ALA A 383 -3.79 15.75 -3.09
N GLU A 384 -3.76 15.08 -1.92
CA GLU A 384 -4.97 14.59 -1.29
C GLU A 384 -6.07 15.62 -1.21
N SER A 385 -5.74 16.87 -0.96
CA SER A 385 -6.83 17.80 -0.78
C SER A 385 -7.23 18.51 -2.05
N HIS A 386 -6.85 17.96 -3.18
CA HIS A 386 -7.12 18.61 -4.46
C HIS A 386 -7.84 17.62 -5.41
N ILE A 387 -8.80 18.14 -6.19
CA ILE A 387 -9.54 17.26 -7.13
C ILE A 387 -8.62 16.31 -7.93
N ASN A 388 -7.39 16.74 -8.28
CA ASN A 388 -6.43 15.97 -9.11
C ASN A 388 -5.92 14.76 -8.29
N GLY A 389 -5.83 14.95 -6.97
CA GLY A 389 -5.46 13.82 -6.13
C GLY A 389 -6.58 12.78 -6.12
N ALA A 390 -7.82 13.26 -6.22
CA ALA A 390 -9.02 12.45 -6.14
C ALA A 390 -9.25 11.74 -7.49
N THR A 391 -9.10 12.45 -8.63
CA THR A 391 -9.22 11.76 -9.90
C THR A 391 -8.18 10.71 -9.96
N THR A 392 -6.98 11.03 -9.44
CA THR A 392 -5.88 10.05 -9.45
C THR A 392 -6.12 8.77 -8.58
N GLN A 393 -6.64 9.00 -7.35
CA GLN A 393 -6.99 7.95 -6.44
C GLN A 393 -8.09 7.08 -7.09
N ALA A 394 -9.09 7.71 -7.70
CA ALA A 394 -10.18 6.94 -8.31
C ALA A 394 -9.56 6.18 -9.47
N ASP A 395 -8.65 6.83 -10.19
CA ASP A 395 -7.96 6.10 -11.28
C ASP A 395 -7.20 4.83 -10.72
N ILE A 396 -6.48 5.00 -9.60
CA ILE A 396 -5.73 3.91 -9.00
C ILE A 396 -6.69 2.74 -8.59
N LEU A 397 -7.78 3.03 -7.91
CA LEU A 397 -8.69 1.95 -7.45
C LEU A 397 -9.25 1.17 -8.64
N GLY A 398 -9.57 1.86 -9.73
CA GLY A 398 -10.04 1.17 -10.95
C GLY A 398 -8.98 0.23 -11.52
N ILE A 399 -7.77 0.73 -11.60
CA ILE A 399 -6.70 -0.06 -12.10
C ILE A 399 -6.55 -1.28 -11.19
N PHE A 400 -6.61 -1.16 -9.84
CA PHE A 400 -6.29 -2.33 -8.99
C PHE A 400 -7.28 -3.46 -9.37
N GLY A 401 -8.55 -3.11 -9.50
CA GLY A 401 -9.55 -4.10 -9.70
C GLY A 401 -9.42 -4.71 -11.08
N ARG A 402 -9.25 -3.87 -12.11
CA ARG A 402 -9.17 -4.36 -13.47
C ARG A 402 -7.98 -5.30 -13.60
N GLU A 403 -6.84 -4.94 -13.01
CA GLU A 403 -5.60 -5.66 -13.24
C GLU A 403 -5.47 -6.94 -12.38
N GLY A 404 -6.35 -7.14 -11.41
CA GLY A 404 -6.32 -8.37 -10.63
C GLY A 404 -5.40 -8.38 -9.41
N LEU A 405 -5.13 -7.22 -8.83
CA LEU A 405 -4.29 -7.17 -7.62
C LEU A 405 -5.15 -7.81 -6.54
N ASP A 406 -4.57 -8.66 -5.70
CA ASP A 406 -5.30 -9.27 -4.60
C ASP A 406 -5.50 -8.35 -3.42
N MET A 407 -4.51 -7.53 -3.05
CA MET A 407 -4.72 -6.59 -1.91
C MET A 407 -3.95 -5.28 -2.08
N ALA A 408 -4.37 -4.25 -1.36
CA ALA A 408 -3.66 -2.98 -1.34
C ALA A 408 -3.98 -2.19 -0.06
N ALA A 409 -3.02 -1.39 0.39
CA ALA A 409 -3.29 -0.46 1.47
C ALA A 409 -2.69 0.91 1.15
N ARG A 410 -3.51 1.93 1.13
CA ARG A 410 -3.01 3.25 0.87
C ARG A 410 -2.27 3.70 2.09
N TRP A 411 -1.25 4.54 1.87
CA TRP A 411 -0.50 5.21 2.91
C TRP A 411 -0.74 6.76 2.85
N THR A 412 -1.53 7.32 3.74
CA THR A 412 -2.35 6.56 4.67
C THR A 412 -3.83 6.88 4.33
N THR A 413 -4.62 7.34 5.30
CA THR A 413 -6.05 7.55 5.09
C THR A 413 -6.31 9.05 4.89
N PRO A 414 -6.84 9.44 3.74
CA PRO A 414 -7.08 10.88 3.59
C PRO A 414 -8.07 11.44 4.62
N ASP A 415 -7.83 12.68 5.03
CA ASP A 415 -8.72 13.48 5.86
C ASP A 415 -10.14 13.45 5.31
N THR A 416 -11.14 13.27 6.18
CA THR A 416 -12.55 13.23 5.74
C THR A 416 -12.99 14.48 4.97
N ALA A 417 -12.27 15.59 5.09
CA ALA A 417 -12.72 16.82 4.39
C ALA A 417 -12.30 16.86 2.91
N THR A 418 -11.41 15.94 2.54
CA THR A 418 -10.76 16.07 1.23
C THR A 418 -11.55 15.41 0.09
N PRO A 419 -11.36 15.86 -1.17
CA PRO A 419 -12.05 15.13 -2.22
C PRO A 419 -11.45 13.73 -2.40
N THR A 420 -10.19 13.54 -2.05
CA THR A 420 -9.65 12.17 -2.13
C THR A 420 -10.35 11.10 -1.28
N TYR A 421 -10.68 11.46 -0.04
CA TYR A 421 -11.61 10.69 0.78
C TYR A 421 -12.87 10.34 0.00
N LYS A 422 -13.46 11.33 -0.69
CA LYS A 422 -14.72 11.06 -1.36
C LYS A 422 -14.55 10.15 -2.59
N ALA A 423 -13.40 10.22 -3.25
CA ALA A 423 -13.04 9.29 -4.33
C ALA A 423 -13.13 7.84 -3.87
N ILE A 424 -12.65 7.53 -2.67
CA ILE A 424 -12.66 6.13 -2.22
C ILE A 424 -14.13 5.76 -1.99
N LYS A 425 -14.86 6.73 -1.52
CA LYS A 425 -16.23 6.54 -1.16
C LYS A 425 -17.13 6.40 -2.41
N MET A 426 -16.73 6.95 -3.58
CA MET A 426 -17.40 6.64 -4.87
C MET A 426 -17.42 5.14 -5.22
N TYR A 427 -16.35 4.43 -4.84
CA TYR A 427 -16.25 3.00 -5.05
C TYR A 427 -16.94 2.22 -3.95
N ARG A 428 -17.00 2.72 -2.75
CA ARG A 428 -17.37 1.84 -1.64
C ARG A 428 -18.65 2.20 -0.82
N ASN A 429 -19.14 3.43 -0.95
CA ASN A 429 -20.24 3.94 -0.13
C ASN A 429 -20.73 5.22 -0.80
N TYR A 430 -21.18 5.08 -2.05
CA TYR A 430 -21.38 6.24 -2.87
C TYR A 430 -22.74 6.86 -2.56
N ASP A 431 -23.63 6.09 -1.91
CA ASP A 431 -24.95 6.63 -1.58
C ASP A 431 -25.18 6.80 -0.10
N GLY A 432 -24.18 6.55 0.72
CA GLY A 432 -24.36 6.66 2.14
C GLY A 432 -25.04 5.43 2.71
N ASN A 433 -25.44 4.47 1.89
CA ASN A 433 -25.95 3.16 2.36
C ASN A 433 -25.00 1.99 2.14
N LYS A 434 -23.74 2.30 1.86
CA LYS A 434 -22.72 1.28 1.57
C LYS A 434 -22.92 0.49 0.31
N SER A 435 -23.69 1.00 -0.65
CA SER A 435 -23.71 0.41 -1.98
C SER A 435 -22.31 0.70 -2.59
N ALA A 436 -21.82 -0.21 -3.43
CA ALA A 436 -20.42 -0.20 -3.78
C ALA A 436 -20.30 -0.54 -5.26
N PHE A 437 -19.12 -0.36 -5.83
CA PHE A 437 -18.83 -0.72 -7.20
C PHE A 437 -18.94 -2.25 -7.17
N GLY A 438 -19.11 -2.84 -8.35
CA GLY A 438 -19.27 -4.28 -8.50
C GLY A 438 -18.00 -5.04 -8.20
N ASP A 439 -18.13 -6.37 -8.14
CA ASP A 439 -17.11 -7.24 -7.59
C ASP A 439 -16.63 -8.27 -8.62
N THR A 440 -17.23 -8.27 -9.82
CA THR A 440 -16.68 -8.97 -10.98
C THR A 440 -16.25 -7.93 -12.03
N SER A 441 -14.94 -7.72 -12.17
CA SER A 441 -14.41 -6.83 -13.19
C SER A 441 -14.85 -7.28 -14.61
N VAL A 442 -15.08 -6.32 -15.54
CA VAL A 442 -15.36 -6.65 -16.95
C VAL A 442 -14.75 -5.55 -17.82
N THR A 443 -14.53 -5.86 -19.09
CA THR A 443 -13.87 -4.89 -19.92
C THR A 443 -14.65 -3.58 -20.18
N ALA A 444 -13.86 -2.52 -20.01
CA ALA A 444 -14.24 -1.13 -20.32
C ALA A 444 -13.04 -0.61 -21.02
N THR A 445 -13.20 -0.10 -22.23
CA THR A 445 -12.03 0.34 -22.90
C THR A 445 -12.22 1.81 -23.29
N ALA A 446 -11.23 2.62 -22.93
CA ALA A 446 -11.20 4.01 -23.28
C ALA A 446 -9.96 4.28 -24.12
N PRO A 447 -10.11 5.18 -25.11
CA PRO A 447 -9.07 5.46 -26.09
C PRO A 447 -7.81 6.06 -25.51
N ASN A 448 -7.95 7.02 -24.59
CA ASN A 448 -6.76 7.60 -23.91
C ASN A 448 -7.00 7.86 -22.42
N PRO A 449 -6.47 6.96 -21.56
CA PRO A 449 -6.68 7.05 -20.10
C PRO A 449 -6.00 8.26 -19.44
N ASP A 450 -5.04 8.92 -20.12
CA ASP A 450 -4.49 10.14 -19.59
C ASP A 450 -5.56 11.22 -19.62
N ASN A 451 -6.55 11.10 -20.52
CA ASN A 451 -7.58 12.14 -20.56
C ASN A 451 -8.86 11.66 -19.94
N VAL A 452 -9.23 10.42 -20.25
CA VAL A 452 -10.39 9.78 -19.63
C VAL A 452 -10.20 8.28 -19.50
N SER A 453 -10.41 7.76 -18.31
CA SER A 453 -10.19 6.34 -18.08
C SER A 453 -11.53 5.87 -17.59
N ALA A 454 -11.79 4.58 -17.72
CA ALA A 454 -13.11 4.06 -17.35
C ALA A 454 -12.87 2.65 -16.84
N PHE A 455 -13.75 2.21 -15.93
CA PHE A 455 -13.65 0.90 -15.31
C PHE A 455 -15.05 0.36 -15.08
N ALA A 456 -15.25 -0.94 -15.37
CA ALA A 456 -16.56 -1.49 -15.12
C ALA A 456 -16.53 -2.80 -14.32
N ALA A 457 -17.69 -3.10 -13.74
CA ALA A 457 -17.90 -4.33 -13.00
C ALA A 457 -19.40 -4.63 -12.85
N VAL A 458 -19.73 -5.91 -12.66
CA VAL A 458 -21.09 -6.34 -12.43
C VAL A 458 -21.14 -6.71 -10.96
N ARG A 459 -22.21 -6.28 -10.31
CA ARG A 459 -22.40 -6.43 -8.88
C ARG A 459 -23.16 -7.75 -8.59
N SER A 460 -22.65 -8.58 -7.69
CA SER A 460 -23.24 -9.87 -7.45
C SER A 460 -24.61 -9.83 -6.78
N SER A 461 -24.73 -9.05 -5.72
CA SER A 461 -25.98 -8.86 -5.01
C SER A 461 -27.15 -8.42 -5.94
N ASP A 462 -26.87 -7.72 -7.05
CA ASP A 462 -27.78 -6.78 -7.75
C ASP A 462 -27.88 -7.22 -9.22
N GLY A 463 -26.78 -7.68 -9.80
CA GLY A 463 -26.67 -7.82 -11.26
C GLY A 463 -26.50 -6.46 -11.91
N ALA A 464 -26.42 -5.39 -11.11
CA ALA A 464 -26.15 -4.01 -11.72
C ALA A 464 -24.77 -3.95 -12.35
N LEU A 465 -24.65 -3.28 -13.49
CA LEU A 465 -23.36 -2.97 -14.11
C LEU A 465 -22.92 -1.60 -13.55
N THR A 466 -21.80 -1.56 -12.83
CA THR A 466 -21.35 -0.29 -12.30
C THR A 466 -20.23 0.16 -13.21
N VAL A 467 -20.28 1.40 -13.67
CA VAL A 467 -19.25 1.92 -14.54
C VAL A 467 -18.70 3.24 -14.00
N MET A 468 -17.40 3.29 -13.75
CA MET A 468 -16.78 4.53 -13.22
C MET A 468 -16.05 5.22 -14.37
N VAL A 469 -16.36 6.51 -14.56
CA VAL A 469 -15.70 7.28 -15.60
C VAL A 469 -15.01 8.47 -14.96
N ILE A 470 -13.72 8.61 -15.28
CA ILE A 470 -12.89 9.66 -14.74
C ILE A 470 -12.38 10.57 -15.85
N ASN A 471 -12.79 11.84 -15.77
CA ASN A 471 -12.42 12.85 -16.74
C ASN A 471 -11.22 13.60 -16.18
N LYS A 472 -10.01 13.40 -16.69
CA LYS A 472 -8.82 13.87 -15.99
C LYS A 472 -8.37 15.25 -16.44
N TYR A 473 -8.90 15.64 -17.58
CA TYR A 473 -8.71 16.96 -18.27
C TYR A 473 -8.92 18.13 -17.35
N LEU A 474 -8.00 19.07 -17.44
CA LEU A 474 -8.00 20.24 -16.60
C LEU A 474 -9.06 21.31 -16.91
N SER A 475 -9.73 21.25 -18.06
CA SER A 475 -10.77 22.26 -18.42
C SER A 475 -11.80 21.79 -19.42
N GLY A 476 -12.93 22.44 -19.53
CA GLY A 476 -13.90 22.08 -20.55
C GLY A 476 -14.68 20.84 -20.21
N ASN A 477 -15.92 20.79 -20.66
CA ASN A 477 -16.76 19.63 -20.57
C ASN A 477 -16.38 18.61 -21.61
N THR A 478 -16.64 17.34 -21.30
CA THR A 478 -16.35 16.29 -22.22
C THR A 478 -17.60 15.45 -22.52
N PRO A 479 -18.09 15.54 -23.76
CA PRO A 479 -19.19 14.65 -24.20
C PRO A 479 -18.73 13.20 -24.21
N ALA A 480 -19.56 12.32 -23.71
CA ALA A 480 -19.12 10.96 -23.56
C ALA A 480 -20.26 9.99 -23.88
N THR A 481 -19.97 9.04 -24.75
CA THR A 481 -20.90 7.98 -25.07
C THR A 481 -20.35 6.66 -24.55
N ILE A 482 -21.21 5.91 -23.89
CA ILE A 482 -20.89 4.58 -23.42
C ILE A 482 -21.69 3.45 -24.10
N ASN A 483 -20.97 2.55 -24.77
CA ASN A 483 -21.56 1.38 -25.42
C ASN A 483 -21.40 0.06 -24.67
N LEU A 484 -22.57 -0.45 -24.26
CA LEU A 484 -22.73 -1.76 -23.64
C LEU A 484 -22.86 -2.92 -24.63
N SER A 485 -22.04 -3.95 -24.48
CA SER A 485 -22.26 -5.24 -25.14
C SER A 485 -22.68 -6.18 -24.06
N ASN A 486 -23.45 -7.20 -24.42
CA ASN A 486 -23.73 -8.35 -23.55
C ASN A 486 -24.27 -8.00 -22.21
N PHE A 487 -25.06 -6.97 -22.14
CA PHE A 487 -25.73 -6.64 -20.90
C PHE A 487 -27.13 -6.14 -21.18
N THR A 488 -28.14 -6.76 -20.56
CA THR A 488 -29.53 -6.30 -20.73
C THR A 488 -29.92 -5.39 -19.59
N ALA A 489 -30.09 -4.13 -19.94
CA ALA A 489 -30.23 -3.10 -18.96
C ALA A 489 -31.65 -2.52 -18.99
N GLN A 490 -32.11 -2.03 -17.83
CA GLN A 490 -33.30 -1.21 -17.72
C GLN A 490 -33.26 0.07 -18.59
N ALA A 491 -34.32 0.88 -18.51
CA ALA A 491 -34.45 2.09 -19.34
C ALA A 491 -33.46 3.19 -18.90
N GLN A 492 -33.18 3.24 -17.61
CA GLN A 492 -32.43 4.35 -17.05
C GLN A 492 -31.22 3.86 -16.27
N ALA A 493 -30.17 4.67 -16.25
CA ALA A 493 -28.98 4.39 -15.43
C ALA A 493 -28.88 5.45 -14.34
N GLN A 494 -28.61 5.09 -13.11
CA GLN A 494 -28.36 6.12 -12.10
C GLN A 494 -26.98 6.84 -12.26
N VAL A 495 -26.94 8.13 -11.96
CA VAL A 495 -25.72 8.91 -12.03
C VAL A 495 -25.31 9.53 -10.69
N TRP A 496 -24.09 9.22 -10.27
CA TRP A 496 -23.46 9.87 -9.11
C TRP A 496 -22.13 10.46 -9.55
N GLN A 497 -21.77 11.59 -8.96
CA GLN A 497 -20.64 12.37 -9.46
C GLN A 497 -19.87 13.15 -8.42
N LEU A 498 -18.54 13.18 -8.56
CA LEU A 498 -17.69 14.02 -7.70
C LEU A 498 -16.92 15.01 -8.55
N THR A 499 -16.94 16.29 -8.22
CA THR A 499 -16.06 17.25 -8.94
C THR A 499 -15.30 18.01 -7.87
N ALA A 500 -14.58 19.07 -8.29
CA ALA A 500 -13.93 19.93 -7.31
C ALA A 500 -14.92 20.54 -6.29
N ALA A 501 -16.22 20.48 -6.56
CA ALA A 501 -17.21 21.03 -5.63
C ALA A 501 -17.14 20.26 -4.28
N ASN A 502 -16.59 19.04 -4.34
CA ASN A 502 -16.20 18.28 -3.15
C ASN A 502 -17.42 17.76 -2.40
N THR A 503 -18.44 17.34 -3.19
CA THR A 503 -19.60 16.62 -2.73
C THR A 503 -20.03 15.52 -3.69
N ILE A 504 -20.38 14.36 -3.15
CA ILE A 504 -21.00 13.32 -3.96
C ILE A 504 -22.43 13.77 -4.30
N ASN A 505 -22.70 14.05 -5.58
CA ASN A 505 -24.01 14.46 -6.04
C ASN A 505 -24.75 13.28 -6.72
N HIS A 506 -26.00 13.08 -6.31
CA HIS A 506 -26.93 12.19 -7.04
C HIS A 506 -27.56 13.07 -8.11
N LEU A 507 -27.11 12.94 -9.36
CA LEU A 507 -27.64 13.70 -10.48
C LEU A 507 -28.91 13.03 -10.98
N SER A 508 -29.46 13.50 -12.12
CA SER A 508 -30.66 12.89 -12.69
C SER A 508 -30.32 11.61 -13.36
N ASN A 509 -31.25 10.65 -13.31
CA ASN A 509 -31.12 9.43 -14.14
C ASN A 509 -30.94 9.84 -15.60
N VAL A 510 -30.21 9.01 -16.34
CA VAL A 510 -30.01 9.31 -17.74
C VAL A 510 -30.59 8.14 -18.52
N SER A 511 -31.43 8.49 -19.51
CA SER A 511 -32.06 7.54 -20.41
C SER A 511 -31.11 6.76 -21.33
N LEU A 512 -31.21 5.44 -21.33
CA LEU A 512 -30.50 4.63 -22.33
C LEU A 512 -31.06 4.69 -23.77
N SER A 513 -30.20 4.91 -24.74
CA SER A 513 -30.59 4.92 -26.14
C SER A 513 -30.14 3.65 -26.81
N GLY A 514 -30.95 2.62 -26.74
CA GLY A 514 -30.56 1.30 -27.23
C GLY A 514 -29.74 0.60 -26.17
N SER A 515 -28.51 0.21 -26.49
CA SER A 515 -27.61 -0.13 -25.40
C SER A 515 -26.45 0.88 -25.29
N SER A 516 -26.78 2.14 -25.54
CA SER A 516 -25.87 3.26 -25.36
C SER A 516 -26.42 4.19 -24.29
N LEU A 517 -25.57 4.95 -23.62
CA LEU A 517 -26.01 6.13 -22.90
C LEU A 517 -25.02 7.24 -23.15
N SER A 518 -25.51 8.48 -23.13
CA SER A 518 -24.65 9.66 -23.40
C SER A 518 -24.79 10.67 -22.31
N LEU A 519 -23.70 11.40 -22.07
CA LEU A 519 -23.70 12.42 -21.02
C LEU A 519 -22.53 13.36 -21.11
N THR A 520 -22.56 14.39 -20.27
CA THR A 520 -21.58 15.43 -20.37
C THR A 520 -20.76 15.39 -19.11
N LEU A 521 -19.46 15.22 -19.26
CA LEU A 521 -18.58 15.09 -18.11
C LEU A 521 -17.79 16.39 -17.84
N PRO A 522 -17.92 16.92 -16.61
CA PRO A 522 -17.23 18.14 -16.27
C PRO A 522 -15.79 17.81 -16.14
N ALA A 523 -14.97 18.83 -16.29
CA ALA A 523 -13.55 18.67 -16.14
C ALA A 523 -13.19 18.15 -14.74
N GLN A 524 -12.19 17.25 -14.67
CA GLN A 524 -11.69 16.77 -13.38
C GLN A 524 -12.84 16.26 -12.56
N SER A 525 -13.49 15.23 -13.05
CA SER A 525 -14.64 14.66 -12.35
C SER A 525 -14.59 13.15 -12.26
N VAL A 526 -15.16 12.60 -11.20
CA VAL A 526 -15.33 11.14 -11.11
C VAL A 526 -16.81 10.87 -11.18
N THR A 527 -17.25 10.03 -12.13
CA THR A 527 -18.69 9.79 -12.32
C THR A 527 -18.99 8.31 -12.31
N LEU A 528 -20.00 7.96 -11.52
CA LEU A 528 -20.46 6.61 -11.35
C LEU A 528 -21.82 6.37 -12.03
N LEU A 529 -21.83 5.42 -12.95
CA LEU A 529 -23.06 5.01 -13.56
C LEU A 529 -23.44 3.69 -12.93
N VAL A 530 -24.66 3.62 -12.38
CA VAL A 530 -25.22 2.36 -11.87
C VAL A 530 -26.37 1.92 -12.78
N ILE A 531 -26.14 0.84 -13.51
CA ILE A 531 -27.04 0.49 -14.62
C ILE A 531 -27.68 -0.83 -14.29
N PRO A 532 -28.93 -0.83 -13.77
CA PRO A 532 -29.53 -2.08 -13.23
C PRO A 532 -29.84 -3.10 -14.33
N ALA A 533 -29.79 -4.38 -13.99
CA ALA A 533 -30.13 -5.40 -15.03
C ALA A 533 -31.64 -5.41 -15.30
N SER A 534 -32.07 -6.09 -16.37
CA SER A 534 -33.51 -6.44 -16.52
C SER A 534 -34.07 -7.46 -15.45
N THR A 535 -35.31 -7.25 -14.97
CA THR A 535 -36.35 -6.40 -15.65
C THR A 535 -36.67 -5.07 -14.93
C2 BGC B . 7.53 3.66 5.18
C3 BGC B . 6.72 4.70 5.94
C4 BGC B . 7.13 6.01 5.24
C5 BGC B . 6.37 5.97 3.91
C6 BGC B . 6.21 7.33 3.17
C1 BGC B . 7.87 4.03 3.70
O1 BGC B . 9.22 4.50 3.46
O2 BGC B . 6.84 2.43 5.23
O3 BGC B . 6.90 4.64 7.38
O4 BGC B . 6.95 7.21 6.02
O5 BGC B . 6.96 4.94 3.11
O6 BGC B . 6.99 7.52 1.96
ZN ZN C . 20.35 -8.08 10.17
ZN ZN D . 33.63 0.32 0.57
ZN ZN E . 23.01 -17.21 -0.70
#